data_8DUF
#
_entry.id   8DUF
#
_cell.length_a   45.186
_cell.length_b   46.165
_cell.length_c   175.945
_cell.angle_alpha   90.000
_cell.angle_beta   90.000
_cell.angle_gamma   90.000
#
_symmetry.space_group_name_H-M   'P 21 21 21'
#
loop_
_entity.id
_entity.type
_entity.pdbx_description
1 polymer 'nsp2 protease domain'
2 water water
#
_entity_poly.entity_id   1
_entity_poly.type   'polypeptide(L)'
_entity_poly.pdbx_seq_one_letter_code
;RPDPTDVFQNKANVCWAKALVPVLKTAGIDMTTEQWNTVDYFETDKAHSAEIVLNQLCVRFFGLDLDSGLFSAPTVPLSI
RNNHWDNSPSPNMYGLNKEVVRQLSRRYPQLPRAVATGRVYDMNTGTLRNYDPRINLVPVNRRLPHALVLHHNEHPQSDF
SSFVSKLKGRTVLVVGEKLSVPGKMVDWLSDRPEATFRARLDLGIPGDVPKYDIIFVNVRTPYKYHHYQQCEDHAIKLSM
LTKKACLHLNPGGTCVSIGYGYADRASESIIGAIARQFAFSRVCKPKSSLEETEVLFVFIGYDRAARTHNPYKLSSTLTN
IYT
;
_entity_poly.pdbx_strand_id   A
#
# COMPACT_ATOMS: atom_id res chain seq x y z
N ASN A 10 -13.55 -0.75 0.96
CA ASN A 10 -13.34 -2.14 1.38
C ASN A 10 -12.41 -2.23 2.58
N LYS A 11 -11.10 -2.26 2.32
N LYS A 11 -10.32 15.04 13.91
CA LYS A 11 -10.14 -2.35 3.43
CA LYS A 11 -10.18 14.01 12.87
C LYS A 11 -9.86 -0.99 4.05
C LYS A 11 -11.52 13.33 12.62
N ALA A 12 -10.00 0.09 3.31
N ALA A 12 -11.84 13.15 11.34
CA ALA A 12 -9.86 1.41 3.91
CA ALA A 12 -13.12 12.56 10.96
C ALA A 12 -11.18 1.81 4.57
C ALA A 12 -13.02 11.16 10.36
N ASN A 13 -11.11 2.16 5.85
N ASN A 13 -11.84 10.76 9.89
CA ASN A 13 -12.27 2.62 6.60
CA ASN A 13 -11.71 9.53 9.11
C ASN A 13 -11.78 3.67 7.57
C ASN A 13 -10.65 8.59 9.67
N VAL A 14 -12.71 4.43 8.15
N VAL A 14 -10.34 8.67 10.96
CA VAL A 14 -12.35 5.47 9.11
CA VAL A 14 -9.24 7.89 11.51
C VAL A 14 -12.14 4.86 10.49
C VAL A 14 -9.73 6.85 12.51
N CYS A 15 -11.49 5.63 11.37
N CYS A 15 -10.88 6.25 12.23
CA CYS A 15 -11.30 5.30 12.79
CA CYS A 15 -11.33 5.15 13.07
C CYS A 15 -10.34 4.14 13.02
C CYS A 15 -10.39 3.96 13.02
N TRP A 16 -9.50 3.88 12.02
CA TRP A 16 -8.48 2.84 12.09
C TRP A 16 -7.49 3.09 13.21
N ALA A 17 -7.16 4.36 13.47
CA ALA A 17 -6.21 4.65 14.55
C ALA A 17 -6.83 4.36 15.91
N LYS A 18 -8.09 4.77 16.11
CA LYS A 18 -8.76 4.46 17.37
C LYS A 18 -8.87 2.96 17.59
N ALA A 19 -9.18 2.21 16.52
CA ALA A 19 -9.31 0.77 16.65
C ALA A 19 -7.99 0.10 17.02
N LEU A 20 -6.87 0.69 16.60
CA LEU A 20 -5.56 0.13 16.92
C LEU A 20 -5.11 0.40 18.35
N VAL A 21 -5.68 1.40 19.03
CA VAL A 21 -5.21 1.71 20.37
C VAL A 21 -5.17 0.50 21.31
N PRO A 22 -6.23 -0.29 21.46
CA PRO A 22 -6.15 -1.46 22.37
C PRO A 22 -5.22 -2.54 21.86
N VAL A 23 -5.04 -2.67 20.54
CA VAL A 23 -4.09 -3.64 20.02
C VAL A 23 -2.67 -3.24 20.41
N LEU A 24 -2.32 -1.99 20.14
CA LEU A 24 -0.99 -1.50 20.43
C LEU A 24 -0.70 -1.55 21.93
N LYS A 25 -1.71 -1.32 22.76
CA LYS A 25 -1.52 -1.35 24.20
C LYS A 25 -1.06 -2.72 24.69
N THR A 26 -1.42 -3.81 23.99
CA THR A 26 -0.94 -5.12 24.43
C THR A 26 0.57 -5.25 24.34
N ALA A 27 1.22 -4.41 23.51
CA ALA A 27 2.66 -4.37 23.40
C ALA A 27 3.25 -3.14 24.08
N GLY A 28 2.51 -2.57 25.04
CA GLY A 28 2.98 -1.43 25.81
C GLY A 28 3.03 -0.12 25.06
N ILE A 29 2.44 -0.05 23.86
CA ILE A 29 2.55 1.14 23.00
C ILE A 29 1.37 2.06 23.26
N ASP A 30 1.67 3.32 23.54
CA ASP A 30 0.68 4.38 23.69
C ASP A 30 1.14 5.52 22.79
N MET A 31 0.48 5.68 21.65
N MET A 31 0.46 5.70 21.66
CA MET A 31 0.87 6.67 20.66
CA MET A 31 0.89 6.67 20.66
C MET A 31 0.38 8.06 21.05
C MET A 31 0.36 8.06 20.98
N THR A 32 1.26 9.04 20.99
CA THR A 32 0.87 10.43 21.12
C THR A 32 0.40 10.96 19.77
N THR A 33 -0.21 12.14 19.78
CA THR A 33 -0.61 12.75 18.51
C THR A 33 0.59 12.94 17.59
N GLU A 34 1.71 13.40 18.16
CA GLU A 34 2.93 13.58 17.37
C GLU A 34 3.35 12.28 16.70
N GLN A 35 3.28 11.17 17.44
CA GLN A 35 3.66 9.90 16.86
C GLN A 35 2.65 9.44 15.81
N TRP A 36 1.34 9.63 16.06
CA TRP A 36 0.35 9.29 15.05
C TRP A 36 0.57 10.08 13.77
N ASN A 37 1.03 11.32 13.87
CA ASN A 37 1.26 12.14 12.68
C ASN A 37 2.33 11.55 11.76
N THR A 38 3.16 10.64 12.25
CA THR A 38 4.12 9.96 11.37
C THR A 38 3.47 8.88 10.52
N VAL A 39 2.18 8.65 10.65
CA VAL A 39 1.40 7.86 9.70
C VAL A 39 0.69 8.87 8.80
N ASP A 40 1.04 8.87 7.51
CA ASP A 40 0.64 9.98 6.63
C ASP A 40 -0.86 10.19 6.61
N TYR A 41 -1.64 9.11 6.54
CA TYR A 41 -3.09 9.25 6.48
C TYR A 41 -3.68 9.74 7.80
N PHE A 42 -2.93 9.65 8.90
CA PHE A 42 -3.43 10.28 10.13
C PHE A 42 -3.37 11.79 10.02
N GLU A 43 -2.24 12.31 9.55
CA GLU A 43 -2.05 13.75 9.44
C GLU A 43 -3.05 14.35 8.46
N THR A 44 -3.34 13.65 7.37
CA THR A 44 -4.26 14.16 6.36
C THR A 44 -5.69 13.66 6.54
N ASP A 45 -5.97 12.89 7.59
CA ASP A 45 -7.33 12.51 7.97
C ASP A 45 -8.03 11.73 6.85
N LYS A 46 -7.42 10.61 6.47
CA LYS A 46 -7.93 9.76 5.40
C LYS A 46 -8.23 8.36 5.92
N ALA A 47 -9.16 7.68 5.24
CA ALA A 47 -9.48 6.29 5.55
C ALA A 47 -8.30 5.40 5.19
N HIS A 48 -8.09 4.36 6.00
CA HIS A 48 -6.93 3.49 5.84
C HIS A 48 -7.31 2.11 6.36
N SER A 49 -6.44 1.14 6.11
CA SER A 49 -6.59 -0.20 6.68
C SER A 49 -5.88 -0.26 8.03
N ALA A 50 -6.61 -0.63 9.08
CA ALA A 50 -5.97 -0.80 10.37
C ALA A 50 -4.91 -1.90 10.33
N GLU A 51 -5.09 -2.91 9.47
CA GLU A 51 -4.11 -3.98 9.38
C GLU A 51 -2.82 -3.53 8.72
N ILE A 52 -2.92 -2.77 7.62
CA ILE A 52 -1.72 -2.24 7.00
C ILE A 52 -0.97 -1.32 7.95
N VAL A 53 -1.71 -0.48 8.68
CA VAL A 53 -1.06 0.42 9.64
C VAL A 53 -0.42 -0.38 10.78
N LEU A 54 -1.11 -1.40 11.28
CA LEU A 54 -0.51 -2.24 12.32
C LEU A 54 0.80 -2.85 11.84
N ASN A 55 0.81 -3.34 10.59
CA ASN A 55 2.03 -3.91 10.02
C ASN A 55 3.13 -2.86 9.94
N GLN A 56 2.78 -1.64 9.53
CA GLN A 56 3.76 -0.56 9.46
C GLN A 56 4.33 -0.25 10.82
N LEU A 57 3.48 -0.17 11.85
CA LEU A 57 3.98 0.14 13.18
C LEU A 57 4.77 -1.03 13.77
N CYS A 58 4.35 -2.26 13.48
CA CYS A 58 5.09 -3.43 13.95
C CYS A 58 6.53 -3.41 13.43
N VAL A 59 6.72 -3.07 12.15
CA VAL A 59 8.08 -2.98 11.62
C VAL A 59 8.82 -1.83 12.28
N ARG A 60 8.17 -0.65 12.37
CA ARG A 60 8.85 0.49 12.97
C ARG A 60 9.28 0.22 14.40
N PHE A 61 8.42 -0.38 15.21
CA PHE A 61 8.75 -0.61 16.61
C PHE A 61 9.70 -1.78 16.80
N PHE A 62 9.46 -2.91 16.11
CA PHE A 62 10.12 -4.15 16.46
C PHE A 62 10.96 -4.76 15.34
N GLY A 63 10.99 -4.15 14.16
CA GLY A 63 11.80 -4.65 13.07
C GLY A 63 11.30 -5.93 12.45
N LEU A 64 10.04 -6.29 12.72
CA LEU A 64 9.42 -7.52 12.26
C LEU A 64 8.06 -7.16 11.73
N ASP A 65 7.63 -7.83 10.66
CA ASP A 65 6.28 -7.60 10.17
C ASP A 65 5.30 -8.57 10.84
N LEU A 66 4.02 -8.47 10.51
CA LEU A 66 3.01 -9.27 11.19
C LEU A 66 3.17 -10.76 10.93
N ASP A 67 3.82 -11.14 9.84
CA ASP A 67 4.02 -12.56 9.58
C ASP A 67 4.99 -13.21 10.57
N SER A 68 5.64 -12.41 11.42
CA SER A 68 6.39 -12.96 12.54
C SER A 68 5.49 -13.61 13.59
N GLY A 69 4.21 -13.30 13.58
CA GLY A 69 3.32 -13.77 14.63
C GLY A 69 3.32 -12.93 15.89
N LEU A 70 4.06 -11.82 15.92
CA LEU A 70 4.16 -11.02 17.14
C LEU A 70 2.82 -10.54 17.66
N PHE A 71 1.87 -10.25 16.78
CA PHE A 71 0.54 -9.76 17.16
C PHE A 71 -0.56 -10.80 16.89
N SER A 72 -0.23 -12.08 16.95
CA SER A 72 -1.18 -13.12 16.53
C SER A 72 -2.06 -13.66 17.66
N ALA A 73 -1.96 -13.13 18.88
CA ALA A 73 -2.80 -13.63 19.95
C ALA A 73 -4.24 -13.12 19.76
N PRO A 74 -5.23 -13.94 20.12
CA PRO A 74 -6.63 -13.56 19.88
C PRO A 74 -7.18 -12.65 20.98
N THR A 75 -6.62 -11.44 21.07
CA THR A 75 -6.91 -10.56 22.20
C THR A 75 -7.92 -9.46 21.89
N VAL A 76 -7.71 -8.72 20.80
CA VAL A 76 -8.52 -7.55 20.47
C VAL A 76 -8.99 -7.68 19.02
N PRO A 77 -10.28 -7.61 18.72
CA PRO A 77 -10.72 -7.68 17.33
C PRO A 77 -10.39 -6.41 16.57
N LEU A 78 -10.05 -6.58 15.29
CA LEU A 78 -10.00 -5.48 14.33
C LEU A 78 -11.04 -5.83 13.27
N SER A 79 -12.18 -5.16 13.34
CA SER A 79 -13.34 -5.49 12.52
C SER A 79 -13.75 -4.28 11.70
N ILE A 80 -14.38 -4.54 10.56
CA ILE A 80 -14.94 -3.50 9.70
C ILE A 80 -16.45 -3.55 9.83
N ARG A 81 -17.04 -2.47 10.33
CA ARG A 81 -18.49 -2.35 10.47
CA ARG A 81 -18.48 -2.35 10.46
C ARG A 81 -18.91 -0.97 10.02
N ASN A 82 -19.85 -0.91 9.08
CA ASN A 82 -20.40 0.36 8.60
C ASN A 82 -19.31 1.35 8.20
N ASN A 83 -18.36 0.87 7.41
CA ASN A 83 -17.27 1.69 6.87
C ASN A 83 -16.33 2.22 7.93
N HIS A 84 -16.32 1.60 9.10
CA HIS A 84 -15.46 1.98 10.20
C HIS A 84 -14.65 0.76 10.58
N TRP A 85 -13.40 0.98 10.97
CA TRP A 85 -12.70 -0.03 11.76
C TRP A 85 -13.12 0.12 13.21
N ASP A 86 -13.33 -1.01 13.89
CA ASP A 86 -13.67 -0.96 15.30
C ASP A 86 -13.20 -2.24 15.96
N ASN A 87 -13.55 -2.41 17.24
CA ASN A 87 -13.16 -3.58 18.00
C ASN A 87 -14.35 -4.49 18.31
N SER A 88 -15.39 -4.43 17.51
CA SER A 88 -16.54 -5.30 17.69
C SER A 88 -16.15 -6.76 17.44
N PRO A 89 -16.86 -7.71 18.06
CA PRO A 89 -16.39 -9.11 18.03
C PRO A 89 -16.33 -9.66 16.62
N SER A 90 -15.24 -10.37 16.33
CA SER A 90 -15.07 -11.07 15.08
C SER A 90 -13.87 -12.01 15.23
N PRO A 91 -13.64 -12.92 14.28
CA PRO A 91 -12.47 -13.79 14.39
C PRO A 91 -11.15 -13.08 14.12
N ASN A 92 -11.19 -11.84 13.64
CA ASN A 92 -9.99 -11.14 13.18
C ASN A 92 -9.32 -10.43 14.36
N MET A 93 -8.72 -11.23 15.24
CA MET A 93 -8.22 -10.74 16.52
CA MET A 93 -8.22 -10.73 16.50
C MET A 93 -6.69 -10.64 16.51
N TYR A 94 -6.18 -9.63 17.19
CA TYR A 94 -4.75 -9.32 17.26
C TYR A 94 -4.38 -9.04 18.70
N GLY A 95 -3.08 -9.17 18.98
CA GLY A 95 -2.60 -8.93 20.33
C GLY A 95 -1.22 -9.51 20.46
N LEU A 96 -0.36 -8.87 21.27
CA LEU A 96 0.97 -9.41 21.53
C LEU A 96 0.88 -10.87 21.96
N ASN A 97 1.65 -11.71 21.29
CA ASN A 97 1.66 -13.15 21.55
C ASN A 97 2.91 -13.47 22.35
N LYS A 98 2.75 -13.75 23.65
CA LYS A 98 3.91 -13.93 24.51
C LYS A 98 4.72 -15.18 24.15
N GLU A 99 4.09 -16.22 23.58
CA GLU A 99 4.86 -17.39 23.15
C GLU A 99 5.78 -17.04 22.00
N VAL A 100 5.31 -16.25 21.05
CA VAL A 100 6.16 -15.81 19.95
C VAL A 100 7.31 -14.95 20.47
N VAL A 101 7.03 -14.04 21.41
CA VAL A 101 8.09 -13.24 22.01
C VAL A 101 9.18 -14.14 22.59
N ARG A 102 8.76 -15.18 23.32
CA ARG A 102 9.75 -16.11 23.90
C ARG A 102 10.60 -16.75 22.82
N GLN A 103 9.99 -17.22 21.73
CA GLN A 103 10.75 -17.84 20.65
C GLN A 103 11.74 -16.86 20.03
N LEU A 104 11.30 -15.63 19.79
CA LEU A 104 12.16 -14.64 19.15
C LEU A 104 13.28 -14.17 20.06
N SER A 105 13.08 -14.28 21.39
CA SER A 105 14.07 -13.73 22.31
C SER A 105 15.40 -14.44 22.25
N ARG A 106 15.41 -15.69 21.77
CA ARG A 106 16.69 -16.38 21.56
C ARG A 106 17.57 -15.61 20.60
N ARG A 107 16.99 -15.13 19.49
CA ARG A 107 17.77 -14.35 18.53
C ARG A 107 17.83 -12.87 18.92
N TYR A 108 16.81 -12.35 19.60
CA TYR A 108 16.68 -10.91 19.89
C TYR A 108 16.49 -10.72 21.39
N PRO A 109 17.58 -10.78 22.17
CA PRO A 109 17.42 -10.89 23.63
C PRO A 109 16.73 -9.72 24.32
N GLN A 110 16.85 -8.50 23.81
CA GLN A 110 16.15 -7.36 24.43
C GLN A 110 14.74 -7.18 23.93
N LEU A 111 14.28 -7.98 22.98
CA LEU A 111 12.93 -7.80 22.45
C LEU A 111 11.84 -7.95 23.52
N PRO A 112 11.92 -8.88 24.47
CA PRO A 112 10.86 -8.92 25.51
C PRO A 112 10.71 -7.61 26.26
N ARG A 113 11.81 -6.89 26.50
CA ARG A 113 11.69 -5.59 27.16
C ARG A 113 10.98 -4.60 26.26
N ALA A 114 11.29 -4.61 24.96
CA ALA A 114 10.66 -3.67 24.04
C ALA A 114 9.15 -3.85 24.02
N VAL A 115 8.69 -5.09 23.93
CA VAL A 115 7.25 -5.33 23.83
C VAL A 115 6.55 -5.21 25.17
N ALA A 116 7.29 -5.22 26.29
CA ALA A 116 6.67 -4.97 27.58
C ALA A 116 6.45 -3.47 27.82
N THR A 117 7.28 -2.63 27.20
CA THR A 117 7.37 -1.22 27.57
C THR A 117 7.03 -0.28 26.41
N GLY A 118 6.69 -0.82 25.24
CA GLY A 118 6.40 0.01 24.09
C GLY A 118 7.58 0.76 23.55
N ARG A 119 8.79 0.23 23.75
CA ARG A 119 10.00 0.83 23.19
C ARG A 119 10.30 0.23 21.83
N VAL A 120 11.07 0.97 21.05
CA VAL A 120 11.59 0.43 19.80
C VAL A 120 12.71 -0.57 20.12
N TYR A 121 12.67 -1.73 19.47
CA TYR A 121 13.81 -2.64 19.44
C TYR A 121 14.60 -2.32 18.18
N ASP A 122 15.78 -1.73 18.35
CA ASP A 122 16.60 -1.33 17.21
C ASP A 122 17.27 -2.57 16.63
N MET A 123 16.83 -3.01 15.45
CA MET A 123 17.40 -4.22 14.87
C MET A 123 18.87 -4.07 14.47
N ASN A 124 19.37 -2.84 14.34
CA ASN A 124 20.77 -2.64 14.00
C ASN A 124 21.70 -2.85 15.20
N THR A 125 21.22 -2.60 16.41
CA THR A 125 22.06 -2.68 17.61
C THR A 125 21.58 -3.68 18.64
N GLY A 126 20.32 -4.12 18.58
CA GLY A 126 19.77 -4.97 19.61
C GLY A 126 19.46 -4.26 20.92
N THR A 127 19.38 -2.93 20.91
CA THR A 127 19.12 -2.14 22.10
C THR A 127 17.80 -1.38 21.94
N LEU A 128 17.32 -0.81 23.05
CA LEU A 128 16.04 -0.14 23.09
C LEU A 128 16.18 1.35 22.80
N ARG A 129 15.14 1.90 22.15
CA ARG A 129 15.08 3.31 21.77
C ARG A 129 13.66 3.80 21.97
N ASN A 130 13.51 5.11 22.01
CA ASN A 130 12.17 5.68 21.88
C ASN A 130 11.76 5.77 20.41
N TYR A 131 10.45 5.90 20.18
CA TYR A 131 9.90 5.80 18.84
C TYR A 131 10.49 6.84 17.89
N ASP A 132 10.92 6.38 16.72
N ASP A 132 10.89 6.39 16.71
CA ASP A 132 11.36 7.23 15.63
CA ASP A 132 11.41 7.20 15.63
C ASP A 132 11.11 6.33 14.42
C ASP A 132 11.23 6.37 14.36
N PRO A 133 10.46 6.84 13.38
CA PRO A 133 10.13 5.98 12.22
C PRO A 133 11.33 5.65 11.33
N ARG A 134 12.52 6.19 11.59
CA ARG A 134 13.69 5.94 10.76
CA ARG A 134 13.68 5.92 10.75
C ARG A 134 14.57 4.81 11.29
N ILE A 135 14.25 4.23 12.44
CA ILE A 135 15.15 3.25 13.05
C ILE A 135 15.11 1.92 12.31
N ASN A 136 13.91 1.37 12.12
CA ASN A 136 13.72 0.04 11.53
C ASN A 136 13.00 0.22 10.20
N LEU A 137 13.74 0.03 9.11
CA LEU A 137 13.21 0.33 7.78
C LEU A 137 12.69 -0.88 7.03
N VAL A 138 13.14 -2.09 7.39
CA VAL A 138 12.76 -3.29 6.64
C VAL A 138 12.50 -4.40 7.65
N PRO A 139 11.45 -5.21 7.47
CA PRO A 139 11.18 -6.32 8.39
C PRO A 139 12.21 -7.43 8.19
N VAL A 140 12.92 -7.78 9.27
CA VAL A 140 14.04 -8.72 9.13
C VAL A 140 13.56 -10.16 8.94
N ASN A 141 12.29 -10.45 9.23
CA ASN A 141 11.75 -11.80 9.10
C ASN A 141 11.25 -12.10 7.69
N ARG A 142 11.09 -11.09 6.85
CA ARG A 142 10.40 -11.26 5.57
C ARG A 142 11.39 -11.58 4.47
N ARG A 143 11.14 -12.66 3.75
CA ARG A 143 11.89 -12.94 2.53
C ARG A 143 11.33 -12.05 1.44
N LEU A 144 12.09 -11.05 1.05
CA LEU A 144 11.61 -10.10 0.05
C LEU A 144 11.44 -10.82 -1.28
N PRO A 145 10.31 -10.66 -1.96
CA PRO A 145 10.14 -11.37 -3.24
C PRO A 145 10.99 -10.82 -4.36
N HIS A 146 11.49 -9.60 -4.24
CA HIS A 146 12.33 -9.01 -5.26
C HIS A 146 13.29 -8.03 -4.59
N ALA A 147 14.37 -7.70 -5.29
CA ALA A 147 15.35 -6.76 -4.77
C ALA A 147 14.72 -5.37 -4.63
N LEU A 148 15.25 -4.59 -3.69
CA LEU A 148 14.79 -3.23 -3.47
C LEU A 148 15.85 -2.24 -3.89
N VAL A 149 15.38 -1.03 -4.24
CA VAL A 149 16.30 0.08 -4.48
C VAL A 149 16.93 0.50 -3.17
N LEU A 150 18.25 0.57 -3.15
CA LEU A 150 18.98 1.06 -1.99
C LEU A 150 19.40 2.51 -2.11
N HIS A 151 19.46 3.04 -3.32
CA HIS A 151 19.95 4.40 -3.58
C HIS A 151 18.93 5.11 -4.45
N HIS A 152 18.06 5.85 -3.80
CA HIS A 152 16.99 6.61 -4.42
C HIS A 152 17.44 8.06 -4.57
N ASN A 153 17.00 8.70 -5.64
CA ASN A 153 17.35 10.09 -5.88
C ASN A 153 16.09 10.89 -6.18
N GLU A 154 16.22 12.20 -6.04
CA GLU A 154 15.15 13.12 -6.42
C GLU A 154 15.19 13.34 -7.92
N HIS A 155 14.05 13.18 -8.56
CA HIS A 155 13.91 13.37 -10.00
C HIS A 155 12.63 14.16 -10.25
N PRO A 156 12.51 14.80 -11.41
CA PRO A 156 11.23 15.38 -11.79
C PRO A 156 10.19 14.28 -11.94
N GLN A 157 8.92 14.67 -11.79
CA GLN A 157 7.84 13.71 -11.89
C GLN A 157 7.76 13.13 -13.30
N SER A 158 7.41 11.86 -13.39
N SER A 158 7.41 11.85 -13.38
CA SER A 158 7.26 11.21 -14.68
CA SER A 158 7.23 11.19 -14.67
C SER A 158 5.94 11.62 -15.34
C SER A 158 5.96 11.68 -15.35
N ASP A 159 5.92 11.50 -16.67
CA ASP A 159 4.77 11.89 -17.49
C ASP A 159 4.42 10.66 -18.33
N PHE A 160 3.26 10.04 -18.05
CA PHE A 160 2.89 8.79 -18.68
C PHE A 160 1.88 8.97 -19.81
N SER A 161 1.66 10.19 -20.27
CA SER A 161 0.72 10.43 -21.36
C SER A 161 1.07 9.58 -22.58
N SER A 162 2.34 9.58 -22.98
CA SER A 162 2.73 8.85 -24.18
CA SER A 162 2.76 8.85 -24.18
C SER A 162 2.52 7.36 -24.03
N PHE A 163 2.70 6.83 -22.81
CA PHE A 163 2.51 5.40 -22.59
C PHE A 163 1.06 5.00 -22.78
N VAL A 164 0.14 5.75 -22.17
CA VAL A 164 -1.28 5.40 -22.29
C VAL A 164 -1.75 5.56 -23.72
N SER A 165 -1.23 6.55 -24.44
CA SER A 165 -1.66 6.77 -25.82
CA SER A 165 -1.65 6.77 -25.83
C SER A 165 -1.37 5.55 -26.70
N LYS A 166 -0.31 4.80 -26.39
CA LYS A 166 0.05 3.63 -27.18
CA LYS A 166 0.05 3.63 -27.19
C LYS A 166 -0.80 2.40 -26.88
N LEU A 167 -1.52 2.41 -25.76
CA LEU A 167 -2.32 1.25 -25.41
C LEU A 167 -3.49 1.09 -26.37
N LYS A 168 -3.95 -0.14 -26.53
CA LYS A 168 -5.14 -0.40 -27.33
C LYS A 168 -6.38 -0.13 -26.48
N GLY A 169 -7.33 0.57 -27.07
CA GLY A 169 -8.59 0.88 -26.42
C GLY A 169 -9.07 2.27 -26.79
N ARG A 170 -10.38 2.47 -26.68
CA ARG A 170 -10.99 3.74 -27.04
CA ARG A 170 -10.99 3.74 -27.04
C ARG A 170 -11.30 4.62 -25.84
N THR A 171 -11.80 4.03 -24.75
CA THR A 171 -12.21 4.79 -23.58
C THR A 171 -11.22 4.57 -22.45
N VAL A 172 -10.87 5.65 -21.75
CA VAL A 172 -9.87 5.64 -20.69
C VAL A 172 -10.45 6.33 -19.47
N LEU A 173 -10.30 5.70 -18.30
CA LEU A 173 -10.52 6.36 -17.02
C LEU A 173 -9.16 6.61 -16.40
N VAL A 174 -8.83 7.88 -16.18
CA VAL A 174 -7.63 8.27 -15.45
C VAL A 174 -8.03 8.51 -14.00
N VAL A 175 -7.36 7.85 -13.08
CA VAL A 175 -7.64 7.96 -11.65
C VAL A 175 -6.47 8.66 -11.01
N GLY A 176 -6.76 9.72 -10.25
CA GLY A 176 -5.71 10.43 -9.53
C GLY A 176 -5.39 11.78 -10.14
N GLU A 177 -4.12 12.01 -10.44
CA GLU A 177 -3.74 13.28 -11.05
C GLU A 177 -4.14 13.31 -12.52
N LYS A 178 -4.34 14.52 -13.02
CA LYS A 178 -4.82 14.70 -14.38
C LYS A 178 -3.80 14.18 -15.38
N LEU A 179 -4.31 13.55 -16.44
CA LEU A 179 -3.47 13.03 -17.51
C LEU A 179 -4.23 13.15 -18.81
N SER A 180 -3.70 13.93 -19.74
CA SER A 180 -4.29 13.95 -21.08
C SER A 180 -3.78 12.77 -21.88
N VAL A 181 -4.66 12.20 -22.69
CA VAL A 181 -4.31 11.04 -23.50
C VAL A 181 -4.75 11.33 -24.92
N PRO A 182 -3.85 11.83 -25.76
CA PRO A 182 -4.24 12.14 -27.15
C PRO A 182 -4.77 10.90 -27.85
N GLY A 183 -5.83 11.09 -28.62
CA GLY A 183 -6.39 10.04 -29.43
C GLY A 183 -7.39 9.14 -28.74
N LYS A 184 -7.71 9.39 -27.46
CA LYS A 184 -8.66 8.56 -26.74
C LYS A 184 -9.64 9.45 -26.01
N MET A 185 -10.76 8.85 -25.60
N MET A 185 -10.78 8.86 -25.64
CA MET A 185 -11.80 9.56 -24.84
CA MET A 185 -11.79 9.51 -24.83
C MET A 185 -11.57 9.30 -23.36
C MET A 185 -11.43 9.28 -23.37
N VAL A 186 -11.25 10.37 -22.62
CA VAL A 186 -10.78 10.27 -21.24
C VAL A 186 -11.81 10.85 -20.27
N ASP A 187 -12.17 10.05 -19.27
CA ASP A 187 -12.84 10.52 -18.07
C ASP A 187 -11.84 10.55 -16.93
N TRP A 188 -12.00 11.51 -16.02
CA TRP A 188 -11.03 11.75 -14.95
C TRP A 188 -11.70 11.65 -13.60
N LEU A 189 -11.23 10.72 -12.76
CA LEU A 189 -11.73 10.51 -11.40
C LEU A 189 -10.69 11.05 -10.43
N SER A 190 -11.07 12.05 -9.63
CA SER A 190 -10.12 12.71 -8.75
C SER A 190 -10.91 13.51 -7.71
N ASP A 191 -10.23 13.92 -6.64
CA ASP A 191 -10.84 14.89 -5.72
C ASP A 191 -10.52 16.33 -6.10
N ARG A 192 -10.12 16.58 -7.34
CA ARG A 192 -9.89 17.94 -7.83
C ARG A 192 -11.17 18.51 -8.44
N PRO A 193 -11.34 19.83 -8.41
CA PRO A 193 -12.63 20.41 -8.85
C PRO A 193 -12.94 20.21 -10.32
N GLU A 194 -11.94 20.08 -11.18
CA GLU A 194 -12.19 19.92 -12.61
C GLU A 194 -12.39 18.46 -13.02
N ALA A 195 -12.45 17.54 -12.06
CA ALA A 195 -12.62 16.13 -12.39
C ALA A 195 -13.98 15.86 -13.05
N THR A 196 -14.01 14.85 -13.91
CA THR A 196 -15.29 14.35 -14.42
C THR A 196 -16.13 13.78 -13.28
N PHE A 197 -15.51 12.94 -12.46
CA PHE A 197 -16.14 12.35 -11.28
C PHE A 197 -15.35 12.80 -10.08
N ARG A 198 -15.92 13.67 -9.27
CA ARG A 198 -15.24 14.20 -8.09
C ARG A 198 -15.57 13.33 -6.88
N ALA A 199 -14.54 12.77 -6.26
CA ALA A 199 -14.74 11.88 -5.13
C ALA A 199 -13.46 11.82 -4.31
N ARG A 200 -13.61 11.49 -3.04
CA ARG A 200 -12.47 11.22 -2.17
C ARG A 200 -11.82 9.89 -2.58
N LEU A 201 -10.57 9.95 -3.04
CA LEU A 201 -9.94 8.74 -3.53
C LEU A 201 -9.60 7.75 -2.42
N ASP A 202 -9.52 8.20 -1.17
CA ASP A 202 -9.28 7.27 -0.07
C ASP A 202 -10.46 6.33 0.17
N LEU A 203 -11.64 6.64 -0.37
CA LEU A 203 -12.77 5.74 -0.33
C LEU A 203 -12.86 4.84 -1.57
N GLY A 204 -11.90 4.93 -2.49
CA GLY A 204 -11.85 4.02 -3.62
C GLY A 204 -12.63 4.51 -4.82
N ILE A 205 -12.56 3.73 -5.90
CA ILE A 205 -13.36 4.03 -7.09
C ILE A 205 -14.83 3.90 -6.72
N PRO A 206 -15.64 4.93 -6.92
CA PRO A 206 -17.07 4.82 -6.61
C PRO A 206 -17.72 3.73 -7.45
N GLY A 207 -18.66 3.01 -6.83
CA GLY A 207 -19.28 1.88 -7.52
C GLY A 207 -20.05 2.26 -8.77
N ASP A 208 -20.54 3.50 -8.85
CA ASP A 208 -21.35 3.92 -10.00
C ASP A 208 -20.52 4.45 -11.17
N VAL A 209 -19.20 4.46 -11.05
CA VAL A 209 -18.37 4.83 -12.19
C VAL A 209 -18.55 3.80 -13.30
N PRO A 210 -18.54 4.19 -14.58
CA PRO A 210 -18.82 3.23 -15.66
C PRO A 210 -17.71 2.24 -15.94
N LYS A 211 -17.78 1.58 -17.10
CA LYS A 211 -16.76 0.62 -17.53
C LYS A 211 -15.99 1.16 -18.72
N TYR A 212 -14.71 0.77 -18.79
CA TYR A 212 -13.75 1.38 -19.70
C TYR A 212 -12.90 0.31 -20.38
N ASP A 213 -12.31 0.70 -21.52
CA ASP A 213 -11.31 -0.16 -22.16
C ASP A 213 -9.99 -0.14 -21.41
N ILE A 214 -9.62 1.02 -20.85
CA ILE A 214 -8.34 1.22 -20.18
C ILE A 214 -8.61 2.01 -18.89
N ILE A 215 -8.03 1.58 -17.80
CA ILE A 215 -7.98 2.36 -16.57
C ILE A 215 -6.51 2.60 -16.24
N PHE A 216 -6.14 3.86 -16.04
CA PHE A 216 -4.78 4.23 -15.67
C PHE A 216 -4.82 4.88 -14.30
N VAL A 217 -4.16 4.25 -13.32
CA VAL A 217 -4.11 4.75 -11.95
C VAL A 217 -2.88 5.66 -11.83
N ASN A 218 -3.11 6.96 -12.00
CA ASN A 218 -2.06 7.98 -12.03
C ASN A 218 -1.86 8.57 -10.63
N VAL A 219 -1.45 7.69 -9.71
CA VAL A 219 -1.37 8.00 -8.30
C VAL A 219 0.03 7.65 -7.81
N ARG A 220 0.67 8.59 -7.13
CA ARG A 220 2.03 8.41 -6.63
C ARG A 220 2.05 8.50 -5.10
N THR A 221 3.09 7.91 -4.52
CA THR A 221 3.30 7.95 -3.08
C THR A 221 4.73 8.42 -2.83
N PRO A 222 4.95 9.35 -1.91
CA PRO A 222 6.30 9.92 -1.75
C PRO A 222 7.27 8.97 -1.09
N TYR A 223 8.52 9.03 -1.56
CA TYR A 223 9.62 8.36 -0.89
CA TYR A 223 9.62 8.36 -0.89
C TYR A 223 10.06 9.21 0.29
N LYS A 224 10.11 8.60 1.47
CA LYS A 224 10.53 9.31 2.69
C LYS A 224 11.75 8.67 3.32
N TYR A 225 11.70 7.38 3.63
CA TYR A 225 12.77 6.71 4.37
C TYR A 225 13.43 5.57 3.61
N HIS A 226 12.70 4.88 2.75
CA HIS A 226 13.17 3.63 2.18
C HIS A 226 12.17 3.16 1.13
N HIS A 227 12.67 2.37 0.18
CA HIS A 227 11.79 1.72 -0.79
C HIS A 227 10.68 0.94 -0.09
N TYR A 228 11.00 0.24 0.99
CA TYR A 228 9.97 -0.52 1.71
C TYR A 228 8.86 0.41 2.20
N GLN A 229 9.23 1.55 2.78
CA GLN A 229 8.23 2.51 3.25
C GLN A 229 7.36 3.02 2.11
N GLN A 230 7.99 3.38 0.98
CA GLN A 230 7.22 3.90 -0.14
C GLN A 230 6.21 2.87 -0.62
N CYS A 231 6.64 1.61 -0.70
CA CYS A 231 5.77 0.52 -1.12
CA CYS A 231 5.75 0.56 -1.15
C CYS A 231 4.60 0.36 -0.16
N GLU A 232 4.90 0.23 1.14
CA GLU A 232 3.82 -0.04 2.07
C GLU A 232 2.84 1.12 2.16
N ASP A 233 3.33 2.36 1.99
CA ASP A 233 2.44 3.52 1.99
C ASP A 233 1.52 3.53 0.78
N HIS A 234 1.96 2.92 -0.32
CA HIS A 234 1.18 2.87 -1.56
C HIS A 234 0.19 1.70 -1.56
N ALA A 235 0.36 0.71 -0.69
CA ALA A 235 -0.46 -0.50 -0.72
C ALA A 235 -1.95 -0.20 -0.64
N ILE A 236 -2.34 0.71 0.26
CA ILE A 236 -3.77 1.01 0.42
C ILE A 236 -4.35 1.60 -0.86
N LYS A 237 -3.53 2.32 -1.64
CA LYS A 237 -4.00 2.88 -2.90
C LYS A 237 -4.18 1.79 -3.93
N LEU A 238 -3.27 0.81 -3.96
CA LEU A 238 -3.50 -0.36 -4.82
C LEU A 238 -4.79 -1.06 -4.44
N SER A 239 -5.08 -1.14 -3.14
CA SER A 239 -6.27 -1.85 -2.68
CA SER A 239 -6.28 -1.86 -2.69
C SER A 239 -7.55 -1.10 -3.06
N MET A 240 -7.56 0.22 -2.88
CA MET A 240 -8.79 0.97 -3.06
CA MET A 240 -8.76 1.03 -3.06
C MET A 240 -8.99 1.44 -4.49
N LEU A 241 -7.93 1.55 -5.29
CA LEU A 241 -8.02 2.02 -6.66
C LEU A 241 -7.74 0.89 -7.64
N THR A 242 -6.50 0.41 -7.69
CA THR A 242 -6.10 -0.54 -8.73
C THR A 242 -6.91 -1.83 -8.66
N LYS A 243 -7.13 -2.34 -7.45
CA LYS A 243 -7.89 -3.58 -7.30
C LYS A 243 -9.36 -3.39 -7.70
N LYS A 244 -9.93 -2.22 -7.44
CA LYS A 244 -11.31 -1.98 -7.82
C LYS A 244 -11.48 -1.70 -9.30
N ALA A 245 -10.39 -1.48 -10.03
CA ALA A 245 -10.50 -1.20 -11.45
C ALA A 245 -11.13 -2.37 -12.20
N CYS A 246 -10.98 -3.59 -11.68
N CYS A 246 -10.97 -3.59 -11.68
CA CYS A 246 -11.53 -4.77 -12.33
CA CYS A 246 -11.53 -4.77 -12.34
C CYS A 246 -13.04 -4.74 -12.39
C CYS A 246 -13.05 -4.67 -12.46
N LEU A 247 -13.70 -3.98 -11.51
CA LEU A 247 -15.15 -3.79 -11.57
C LEU A 247 -15.55 -2.79 -12.64
N HIS A 248 -14.59 -2.13 -13.28
CA HIS A 248 -14.87 -1.02 -14.18
C HIS A 248 -14.21 -1.21 -15.53
N LEU A 249 -13.99 -2.46 -15.94
CA LEU A 249 -13.33 -2.78 -17.20
C LEU A 249 -14.28 -3.53 -18.12
N ASN A 250 -14.29 -3.12 -19.38
CA ASN A 250 -14.94 -3.89 -20.42
C ASN A 250 -14.22 -5.23 -20.56
N PRO A 251 -14.90 -6.24 -21.12
CA PRO A 251 -14.24 -7.52 -21.34
C PRO A 251 -12.97 -7.34 -22.16
N GLY A 252 -11.89 -7.98 -21.70
CA GLY A 252 -10.60 -7.84 -22.34
C GLY A 252 -9.89 -6.53 -22.07
N GLY A 253 -10.37 -5.71 -21.14
CA GLY A 253 -9.80 -4.42 -20.89
C GLY A 253 -8.44 -4.47 -20.20
N THR A 254 -7.85 -3.28 -20.06
CA THR A 254 -6.50 -3.10 -19.54
C THR A 254 -6.52 -2.21 -18.31
N CYS A 255 -5.74 -2.58 -17.29
CA CYS A 255 -5.48 -1.69 -16.17
C CYS A 255 -3.97 -1.47 -16.06
N VAL A 256 -3.57 -0.21 -16.00
CA VAL A 256 -2.18 0.17 -15.74
C VAL A 256 -2.13 1.00 -14.47
N SER A 257 -1.18 0.71 -13.59
CA SER A 257 -1.09 1.44 -12.34
C SER A 257 0.36 1.79 -12.01
N ILE A 258 0.58 3.04 -11.58
CA ILE A 258 1.86 3.35 -10.96
C ILE A 258 2.01 2.49 -9.72
N GLY A 259 3.23 2.03 -9.47
CA GLY A 259 3.51 1.24 -8.29
C GLY A 259 4.99 1.28 -7.97
N TYR A 260 5.36 0.52 -6.94
CA TYR A 260 6.72 0.48 -6.43
C TYR A 260 7.14 -0.95 -6.17
N GLY A 261 6.55 -1.90 -6.89
CA GLY A 261 6.80 -3.30 -6.63
C GLY A 261 5.89 -3.84 -5.53
N TYR A 262 6.36 -4.84 -4.79
CA TYR A 262 5.55 -5.36 -3.70
C TYR A 262 6.48 -5.81 -2.57
N ALA A 263 7.21 -4.83 -2.04
CA ALA A 263 8.14 -5.07 -0.95
C ALA A 263 7.41 -5.57 0.29
N ASP A 264 6.19 -5.09 0.53
CA ASP A 264 5.44 -5.41 1.74
C ASP A 264 4.39 -6.48 1.45
N ARG A 265 3.93 -7.13 2.54
CA ARG A 265 3.05 -8.28 2.41
C ARG A 265 1.70 -7.92 1.78
N ALA A 266 1.17 -6.72 2.07
CA ALA A 266 -0.13 -6.34 1.52
C ALA A 266 -0.05 -6.14 0.02
N SER A 267 0.96 -5.39 -0.44
CA SER A 267 1.14 -5.16 -1.88
C SER A 267 1.29 -6.48 -2.62
N GLU A 268 2.06 -7.43 -2.05
CA GLU A 268 2.27 -8.70 -2.73
C GLU A 268 0.95 -9.45 -2.89
N SER A 269 0.11 -9.43 -1.86
CA SER A 269 -1.18 -10.11 -1.96
C SER A 269 -2.10 -9.41 -2.96
N ILE A 270 -2.13 -8.08 -2.94
CA ILE A 270 -2.99 -7.31 -3.83
C ILE A 270 -2.60 -7.52 -5.29
N ILE A 271 -1.30 -7.38 -5.59
CA ILE A 271 -0.85 -7.51 -6.98
C ILE A 271 -1.11 -8.92 -7.50
N GLY A 272 -0.85 -9.93 -6.67
CA GLY A 272 -1.14 -11.30 -7.09
C GLY A 272 -2.61 -11.51 -7.39
N ALA A 273 -3.49 -10.95 -6.57
CA ALA A 273 -4.92 -11.10 -6.78
C ALA A 273 -5.35 -10.42 -8.08
N ILE A 274 -4.82 -9.22 -8.36
CA ILE A 274 -5.15 -8.54 -9.60
C ILE A 274 -4.67 -9.37 -10.80
N ALA A 275 -3.43 -9.85 -10.72
CA ALA A 275 -2.82 -10.54 -11.87
C ALA A 275 -3.60 -11.78 -12.28
N ARG A 276 -4.22 -12.46 -11.31
CA ARG A 276 -4.97 -13.67 -11.64
CA ARG A 276 -4.97 -13.67 -11.64
C ARG A 276 -6.25 -13.39 -12.41
N GLN A 277 -6.63 -12.12 -12.58
CA GLN A 277 -7.84 -11.77 -13.30
C GLN A 277 -7.57 -11.32 -14.73
N PHE A 278 -6.32 -11.33 -15.17
CA PHE A 278 -5.95 -10.83 -16.49
C PHE A 278 -5.14 -11.89 -17.23
N ALA A 279 -5.27 -11.87 -18.57
CA ALA A 279 -4.49 -12.78 -19.40
C ALA A 279 -2.99 -12.60 -19.21
N PHE A 280 -2.53 -11.35 -19.19
CA PHE A 280 -1.11 -11.06 -19.05
C PHE A 280 -0.88 -9.99 -18.00
N SER A 281 0.23 -10.12 -17.28
CA SER A 281 0.65 -9.13 -16.30
C SER A 281 2.13 -8.86 -16.50
N ARG A 282 2.47 -7.58 -16.57
CA ARG A 282 3.85 -7.19 -16.82
C ARG A 282 4.19 -6.00 -15.94
N VAL A 283 5.49 -5.82 -15.72
CA VAL A 283 6.03 -4.62 -15.10
C VAL A 283 6.85 -3.89 -16.14
N CYS A 284 6.62 -2.58 -16.27
CA CYS A 284 7.31 -1.75 -17.24
CA CYS A 284 7.31 -1.75 -17.24
C CYS A 284 7.89 -0.54 -16.55
N LYS A 285 9.07 -0.09 -16.99
CA LYS A 285 9.65 1.17 -16.54
C LYS A 285 10.01 2.00 -17.75
N PRO A 286 9.08 2.83 -18.23
CA PRO A 286 9.32 3.63 -19.43
C PRO A 286 10.41 4.66 -19.21
N LYS A 287 10.83 5.29 -20.31
CA LYS A 287 11.93 6.23 -20.28
C LYS A 287 11.61 7.47 -19.46
N SER A 288 10.34 7.87 -19.43
CA SER A 288 9.97 9.04 -18.62
CA SER A 288 9.92 9.02 -18.64
C SER A 288 9.90 8.75 -17.14
N SER A 289 10.05 7.49 -16.73
CA SER A 289 10.01 7.12 -15.32
C SER A 289 11.43 7.14 -14.77
N LEU A 290 11.79 8.24 -14.11
CA LEU A 290 13.16 8.41 -13.65
C LEU A 290 13.36 7.97 -12.20
N GLU A 291 12.36 8.21 -11.35
CA GLU A 291 12.46 7.79 -9.95
C GLU A 291 12.75 6.30 -9.87
N GLU A 292 13.81 5.95 -9.14
CA GLU A 292 14.36 4.59 -9.23
C GLU A 292 13.36 3.53 -8.80
N THR A 293 12.47 3.85 -7.87
CA THR A 293 11.53 2.88 -7.30
C THR A 293 10.24 2.76 -8.09
N GLU A 294 9.97 3.68 -9.01
CA GLU A 294 8.67 3.74 -9.66
C GLU A 294 8.62 2.78 -10.84
N VAL A 295 7.52 2.05 -10.97
CA VAL A 295 7.26 1.20 -12.12
C VAL A 295 5.80 1.35 -12.51
N LEU A 296 5.45 0.79 -13.67
CA LEU A 296 4.06 0.61 -14.06
C LEU A 296 3.73 -0.86 -14.01
N PHE A 297 2.67 -1.22 -13.28
CA PHE A 297 2.08 -2.54 -13.41
C PHE A 297 1.09 -2.50 -14.57
N VAL A 298 1.23 -3.44 -15.51
CA VAL A 298 0.42 -3.47 -16.72
C VAL A 298 -0.35 -4.78 -16.74
N PHE A 299 -1.67 -4.68 -16.68
CA PHE A 299 -2.56 -5.83 -16.67
C PHE A 299 -3.39 -5.80 -17.95
N ILE A 300 -3.23 -6.82 -18.79
CA ILE A 300 -3.79 -6.85 -20.14
C ILE A 300 -4.74 -8.04 -20.24
N GLY A 301 -5.94 -7.80 -20.75
CA GLY A 301 -6.88 -8.87 -21.05
C GLY A 301 -7.73 -9.28 -19.87
N TYR A 302 -8.51 -8.34 -19.35
CA TYR A 302 -9.38 -8.62 -18.21
C TYR A 302 -10.35 -9.76 -18.54
N ASP A 303 -10.43 -10.73 -17.63
CA ASP A 303 -11.34 -11.88 -17.75
C ASP A 303 -11.03 -12.76 -18.96
N ARG A 304 -9.77 -12.76 -19.40
CA ARG A 304 -9.32 -13.64 -20.46
C ARG A 304 -8.13 -14.45 -19.98
N ALA A 305 -7.85 -15.54 -20.71
CA ALA A 305 -6.68 -16.37 -20.48
C ALA A 305 -5.71 -16.20 -21.65
N ALA A 306 -4.43 -16.38 -21.35
CA ALA A 306 -3.37 -16.49 -22.36
C ALA A 306 -1.99 -16.61 -21.72
N LYS A 313 7.73 -14.45 -12.71
CA LYS A 313 8.39 -13.57 -13.68
C LYS A 313 8.21 -12.09 -13.33
N LEU A 314 7.06 -11.74 -12.75
CA LEU A 314 6.90 -10.39 -12.22
C LEU A 314 8.03 -10.07 -11.25
N SER A 315 8.29 -10.97 -10.29
CA SER A 315 9.31 -10.70 -9.29
C SER A 315 10.69 -10.60 -9.92
N SER A 316 10.99 -11.48 -10.89
CA SER A 316 12.29 -11.42 -11.54
C SER A 316 12.46 -10.11 -12.32
N THR A 317 11.40 -9.66 -13.00
CA THR A 317 11.47 -8.38 -13.70
C THR A 317 11.73 -7.23 -12.72
N LEU A 318 11.02 -7.22 -11.58
CA LEU A 318 11.24 -6.17 -10.60
C LEU A 318 12.67 -6.20 -10.07
N THR A 319 13.21 -7.40 -9.81
CA THR A 319 14.60 -7.49 -9.38
C THR A 319 15.54 -6.93 -10.44
N ASN A 320 15.28 -7.20 -11.72
CA ASN A 320 16.15 -6.65 -12.75
C ASN A 320 16.06 -5.14 -12.82
N ILE A 321 14.86 -4.58 -12.61
CA ILE A 321 14.68 -3.13 -12.63
C ILE A 321 15.35 -2.48 -11.42
N TYR A 322 15.24 -3.10 -10.25
CA TYR A 322 15.63 -2.46 -9.00
C TYR A 322 17.04 -2.79 -8.54
N THR A 323 17.69 -3.78 -9.13
CA THR A 323 19.03 -4.11 -8.67
C THR A 323 19.99 -3.01 -9.04
#